data_5EV9
#
_entry.id   5EV9
#
_cell.length_a   60.360
_cell.length_b   60.360
_cell.length_c   63.460
_cell.angle_alpha   90.00
_cell.angle_beta   90.00
_cell.angle_gamma   120.00
#
_symmetry.space_group_name_H-M   'P 32 2 1'
#
loop_
_entity.id
_entity.type
_entity.pdbx_description
1 polymer Peregrin
2 non-polymer ~{N}-[5-(1~{H}-pyrazol-4-yl)quinolin-8-yl]ethanamide
3 non-polymer 'NITRATE ION'
4 water water
#
_entity_poly.entity_id   1
_entity_poly.type   'polypeptide(L)'
_entity_poly.pdbx_seq_one_letter_code
;SMEMQLTPFLILLRKTLEQLQEKDTGNIFSEPVPLSEVPDYLDHIKKPMDFFTMKQNLEAYRYLNFDDFEEDFNLIVSNC
LKYNAKDTIFYRAAVRLREQGGAVLRQARRQAEKMG
;
_entity_poly.pdbx_strand_id   A
#
# COMPACT_ATOMS: atom_id res chain seq x y z
N MET A 4 -21.64 8.58 -7.46
CA MET A 4 -20.26 8.68 -7.94
C MET A 4 -20.06 7.86 -9.21
N GLN A 5 -19.23 8.38 -10.12
CA GLN A 5 -18.91 7.73 -11.38
C GLN A 5 -17.58 7.00 -11.28
N LEU A 6 -17.48 5.86 -11.97
CA LEU A 6 -16.33 4.98 -11.84
C LEU A 6 -15.05 5.64 -12.36
N THR A 7 -15.12 6.21 -13.56
CA THR A 7 -13.90 6.70 -14.21
C THR A 7 -13.14 7.74 -13.39
N PRO A 8 -13.75 8.83 -12.93
CA PRO A 8 -12.97 9.80 -12.12
C PRO A 8 -12.47 9.20 -10.83
N PHE A 9 -13.22 8.27 -10.23
CA PHE A 9 -12.74 7.63 -9.01
C PHE A 9 -11.47 6.84 -9.28
N LEU A 10 -11.45 6.06 -10.36
CA LEU A 10 -10.27 5.26 -10.65
C LEU A 10 -9.08 6.14 -11.03
N ILE A 11 -9.33 7.24 -11.75
CA ILE A 11 -8.26 8.19 -12.02
C ILE A 11 -7.67 8.71 -10.71
N LEU A 12 -8.53 9.03 -9.74
CA LEU A 12 -8.04 9.50 -8.45
C LEU A 12 -7.23 8.43 -7.73
N LEU A 13 -7.69 7.18 -7.78
CA LEU A 13 -6.92 6.11 -7.12
C LEU A 13 -5.59 5.88 -7.81
N ARG A 14 -5.54 5.99 -9.14
CA ARG A 14 -4.28 5.87 -9.85
C ARG A 14 -3.30 6.93 -9.42
N LYS A 15 -3.76 8.19 -9.33
CA LYS A 15 -2.88 9.27 -8.89
C LYS A 15 -2.44 9.06 -7.45
N THR A 16 -3.35 8.61 -6.60
CA THR A 16 -3.03 8.39 -5.20
C THR A 16 -2.00 7.29 -5.04
N LEU A 17 -2.14 6.20 -5.79
CA LEU A 17 -1.17 5.12 -5.75
C LEU A 17 0.20 5.59 -6.20
N GLU A 18 0.26 6.41 -7.24
CA GLU A 18 1.54 7.00 -7.67
C GLU A 18 2.16 7.82 -6.55
N GLN A 19 1.34 8.63 -5.85
CA GLN A 19 1.86 9.44 -4.76
C GLN A 19 2.39 8.58 -3.61
N LEU A 20 1.72 7.49 -3.31
CA LEU A 20 2.20 6.60 -2.26
C LEU A 20 3.50 5.94 -2.67
N GLN A 21 3.60 5.49 -3.92
CA GLN A 21 4.84 4.89 -4.40
C GLN A 21 6.00 5.88 -4.31
N GLU A 22 5.73 7.17 -4.55
CA GLU A 22 6.79 8.18 -4.42
C GLU A 22 7.35 8.25 -3.01
N LYS A 23 6.53 7.97 -2.00
CA LYS A 23 7.01 7.98 -0.61
C LYS A 23 7.90 6.79 -0.30
N ASP A 24 7.75 5.70 -1.03
CA ASP A 24 8.56 4.49 -0.84
C ASP A 24 9.79 4.66 -1.73
N THR A 25 10.74 5.46 -1.22
CA THR A 25 11.87 5.86 -2.05
C THR A 25 12.81 4.68 -2.30
N GLY A 26 12.91 3.76 -1.36
CA GLY A 26 13.70 2.56 -1.56
C GLY A 26 13.03 1.47 -2.36
N ASN A 27 11.80 1.69 -2.83
CA ASN A 27 11.05 0.67 -3.56
C ASN A 27 10.97 -0.62 -2.76
N ILE A 28 10.87 -0.49 -1.43
CA ILE A 28 10.74 -1.64 -0.56
C ILE A 28 9.41 -2.34 -0.79
N PHE A 29 8.40 -1.58 -1.23
CA PHE A 29 7.03 -2.09 -1.32
C PHE A 29 6.51 -2.14 -2.75
N SER A 30 7.39 -1.97 -3.75
CA SER A 30 6.93 -1.89 -5.14
CA SER A 30 6.92 -1.89 -5.13
C SER A 30 6.43 -3.22 -5.66
N GLU A 31 7.00 -4.32 -5.19
CA GLU A 31 6.70 -5.64 -5.73
C GLU A 31 6.54 -6.60 -4.56
N PRO A 32 5.95 -7.77 -4.79
CA PRO A 32 5.76 -8.72 -3.69
C PRO A 32 7.07 -9.06 -3.01
N VAL A 33 6.99 -9.31 -1.70
CA VAL A 33 8.15 -9.81 -0.97
C VAL A 33 8.60 -11.09 -1.64
N PRO A 34 9.84 -11.18 -2.12
CA PRO A 34 10.27 -12.39 -2.85
C PRO A 34 10.32 -13.62 -1.96
N LEU A 35 9.34 -14.52 -2.15
CA LEU A 35 9.24 -15.71 -1.32
C LEU A 35 10.47 -16.61 -1.43
N SER A 36 11.23 -16.48 -2.52
CA SER A 36 12.46 -17.25 -2.66
C SER A 36 13.51 -16.80 -1.64
N GLU A 37 13.62 -15.49 -1.43
CA GLU A 37 14.63 -14.97 -0.51
C GLU A 37 14.12 -14.86 0.92
N VAL A 38 12.81 -14.89 1.11
CA VAL A 38 12.20 -14.89 2.44
C VAL A 38 11.33 -16.15 2.52
N PRO A 39 11.93 -17.33 2.70
CA PRO A 39 11.15 -18.56 2.60
C PRO A 39 10.09 -18.70 3.69
N ASP A 40 10.31 -18.13 4.86
CA ASP A 40 9.36 -18.24 5.97
C ASP A 40 8.31 -17.15 5.98
N TYR A 41 8.24 -16.33 4.92
CA TYR A 41 7.37 -15.16 4.95
C TYR A 41 5.90 -15.55 5.09
N LEU A 42 5.44 -16.47 4.24
CA LEU A 42 4.04 -16.90 4.30
C LEU A 42 3.71 -17.66 5.57
N ASP A 43 4.71 -18.11 6.34
CA ASP A 43 4.44 -18.69 7.65
C ASP A 43 3.89 -17.65 8.62
N HIS A 44 4.24 -16.37 8.40
CA HIS A 44 3.88 -15.30 9.32
C HIS A 44 2.80 -14.36 8.78
N ILE A 45 2.70 -14.22 7.46
CA ILE A 45 1.89 -13.17 6.84
C ILE A 45 0.76 -13.84 6.06
N LYS A 46 -0.48 -13.65 6.51
CA LYS A 46 -1.59 -14.37 5.90
C LYS A 46 -2.00 -13.79 4.56
N LYS A 47 -1.81 -12.48 4.36
CA LYS A 47 -2.14 -11.83 3.09
C LYS A 47 -1.03 -10.88 2.68
N PRO A 48 -0.09 -11.33 1.85
CA PRO A 48 0.94 -10.40 1.34
C PRO A 48 0.32 -9.31 0.47
N MET A 49 0.94 -8.14 0.48
CA MET A 49 0.47 -7.04 -0.34
C MET A 49 1.66 -6.16 -0.74
N ASP A 50 1.50 -5.46 -1.86
CA ASP A 50 2.55 -4.61 -2.42
C ASP A 50 1.91 -3.69 -3.46
N PHE A 51 2.66 -2.68 -3.90
CA PHE A 51 2.06 -1.67 -4.77
C PHE A 51 1.73 -2.22 -6.16
N PHE A 52 2.52 -3.18 -6.66
CA PHE A 52 2.20 -3.76 -7.96
C PHE A 52 0.89 -4.53 -7.93
N THR A 53 0.70 -5.34 -6.90
CA THR A 53 -0.58 -6.03 -6.72
C THR A 53 -1.71 -5.03 -6.57
N MET A 54 -1.48 -3.95 -5.82
CA MET A 54 -2.52 -2.93 -5.71
C MET A 54 -2.88 -2.35 -7.07
N LYS A 55 -1.90 -2.12 -7.93
CA LYS A 55 -2.20 -1.61 -9.26
C LYS A 55 -3.03 -2.62 -10.05
N GLN A 56 -2.69 -3.90 -9.94
CA GLN A 56 -3.47 -4.91 -10.63
C GLN A 56 -4.89 -4.96 -10.10
N ASN A 57 -5.05 -4.88 -8.78
CA ASN A 57 -6.39 -4.87 -8.18
C ASN A 57 -7.18 -3.65 -8.63
N LEU A 58 -6.55 -2.48 -8.65
CA LEU A 58 -7.22 -1.27 -9.09
C LEU A 58 -7.75 -1.44 -10.52
N GLU A 59 -6.90 -1.93 -11.43
CA GLU A 59 -7.30 -2.09 -12.81
C GLU A 59 -8.29 -3.24 -13.00
N ALA A 60 -8.32 -4.20 -12.09
CA ALA A 60 -9.31 -5.27 -12.13
C ALA A 60 -10.65 -4.84 -11.55
N TYR A 61 -10.79 -3.56 -11.21
CA TYR A 61 -11.99 -2.99 -10.62
C TYR A 61 -12.28 -3.57 -9.23
N ARG A 62 -11.22 -3.98 -8.52
CA ARG A 62 -11.41 -4.53 -7.20
C ARG A 62 -11.60 -3.46 -6.12
N TYR A 63 -11.21 -2.21 -6.38
CA TYR A 63 -11.35 -1.10 -5.43
C TYR A 63 -12.45 -0.18 -5.94
N LEU A 64 -13.61 -0.24 -5.30
CA LEU A 64 -14.73 0.60 -5.68
C LEU A 64 -15.09 1.60 -4.61
N ASN A 65 -14.33 1.65 -3.53
CA ASN A 65 -14.49 2.66 -2.50
C ASN A 65 -13.11 2.91 -1.90
N PHE A 66 -12.99 4.02 -1.20
CA PHE A 66 -11.67 4.36 -0.71
C PHE A 66 -11.20 3.37 0.34
N ASP A 67 -12.12 2.82 1.13
CA ASP A 67 -11.70 1.92 2.22
C ASP A 67 -11.00 0.69 1.68
N ASP A 68 -11.46 0.13 0.57
CA ASP A 68 -10.77 -1.08 0.15
C ASP A 68 -9.41 -0.80 -0.43
N PHE A 69 -9.22 0.37 -1.02
CA PHE A 69 -7.89 0.83 -1.42
C PHE A 69 -7.00 1.01 -0.20
N GLU A 70 -7.50 1.76 0.79
CA GLU A 70 -6.72 2.02 1.99
C GLU A 70 -6.44 0.76 2.79
N GLU A 71 -7.34 -0.22 2.76
CA GLU A 71 -7.11 -1.47 3.49
C GLU A 71 -5.91 -2.21 2.92
N ASP A 72 -5.74 -2.21 1.60
CA ASP A 72 -4.58 -2.90 1.04
C ASP A 72 -3.30 -2.12 1.32
N PHE A 73 -3.36 -0.78 1.29
CA PHE A 73 -2.20 0.00 1.73
C PHE A 73 -1.84 -0.34 3.17
N ASN A 74 -2.84 -0.42 4.05
CA ASN A 74 -2.55 -0.69 5.45
C ASN A 74 -1.96 -2.07 5.62
N LEU A 75 -2.30 -2.99 4.72
CA LEU A 75 -1.72 -4.33 4.77
C LEU A 75 -0.24 -4.29 4.44
N ILE A 76 0.16 -3.50 3.43
CA ILE A 76 1.57 -3.30 3.12
C ILE A 76 2.32 -2.90 4.38
N VAL A 77 1.79 -1.90 5.09
CA VAL A 77 2.43 -1.38 6.28
C VAL A 77 2.45 -2.42 7.39
N SER A 78 1.27 -2.97 7.74
CA SER A 78 1.18 -3.85 8.90
CA SER A 78 1.19 -3.84 8.90
C SER A 78 1.96 -5.14 8.69
N ASN A 79 1.96 -5.67 7.47
CA ASN A 79 2.72 -6.89 7.21
C ASN A 79 4.19 -6.66 7.51
N CYS A 80 4.69 -5.49 7.12
CA CYS A 80 6.10 -5.18 7.28
C CYS A 80 6.45 -4.92 8.75
N LEU A 81 5.57 -4.24 9.48
CA LEU A 81 5.78 -4.07 10.91
C LEU A 81 5.77 -5.42 11.62
N LYS A 82 4.89 -6.33 11.18
CA LYS A 82 4.78 -7.64 11.83
C LYS A 82 6.02 -8.48 11.55
N TYR A 83 6.44 -8.56 10.29
CA TYR A 83 7.47 -9.54 9.93
C TYR A 83 8.85 -9.12 10.41
N ASN A 84 9.14 -7.82 10.46
CA ASN A 84 10.50 -7.33 10.64
C ASN A 84 10.69 -6.79 12.05
N ALA A 85 11.89 -7.01 12.61
CA ALA A 85 12.22 -6.50 13.93
C ALA A 85 12.29 -4.98 13.93
N LYS A 86 12.07 -4.39 15.12
CA LYS A 86 11.98 -2.93 15.21
C LYS A 86 13.28 -2.25 14.82
N ASP A 87 14.42 -2.92 14.99
CA ASP A 87 15.71 -2.30 14.69
C ASP A 87 16.14 -2.46 13.23
N THR A 88 15.22 -2.72 12.31
CA THR A 88 15.59 -2.90 10.92
C THR A 88 15.18 -1.71 10.07
N ILE A 89 15.85 -1.57 8.93
CA ILE A 89 15.43 -0.59 7.93
C ILE A 89 14.01 -0.89 7.47
N PHE A 90 13.68 -2.18 7.26
CA PHE A 90 12.34 -2.53 6.78
C PHE A 90 11.27 -2.02 7.74
N TYR A 91 11.43 -2.26 9.04
CA TYR A 91 10.43 -1.80 10.00
C TYR A 91 10.29 -0.28 9.97
N ARG A 92 11.42 0.43 9.99
N ARG A 92 11.42 0.43 9.99
CA ARG A 92 11.33 1.89 10.00
CA ARG A 92 11.36 1.89 9.99
C ARG A 92 10.78 2.44 8.69
C ARG A 92 10.75 2.42 8.70
N ALA A 93 11.00 1.75 7.58
CA ALA A 93 10.41 2.17 6.30
C ALA A 93 8.90 2.06 6.34
N ALA A 94 8.37 1.04 7.01
CA ALA A 94 6.92 0.92 7.13
C ALA A 94 6.35 2.01 8.02
N VAL A 95 7.03 2.35 9.11
CA VAL A 95 6.61 3.47 9.94
C VAL A 95 6.59 4.75 9.12
N ARG A 96 7.66 5.00 8.36
CA ARG A 96 7.71 6.21 7.56
C ARG A 96 6.59 6.22 6.53
N LEU A 97 6.35 5.07 5.88
CA LEU A 97 5.29 5.01 4.86
C LEU A 97 3.92 5.23 5.51
N ARG A 98 3.70 4.69 6.70
CA ARG A 98 2.44 4.92 7.39
C ARG A 98 2.22 6.41 7.62
N GLU A 99 3.27 7.11 8.06
CA GLU A 99 3.16 8.53 8.35
C GLU A 99 2.98 9.34 7.07
N GLN A 100 3.90 9.16 6.12
CA GLN A 100 3.85 9.97 4.90
C GLN A 100 2.69 9.56 4.01
N GLY A 101 2.41 8.25 3.95
CA GLY A 101 1.30 7.79 3.13
C GLY A 101 -0.05 8.15 3.70
N GLY A 102 -0.19 8.17 5.03
CA GLY A 102 -1.45 8.58 5.63
C GLY A 102 -1.88 9.96 5.17
N ALA A 103 -0.94 10.90 5.07
CA ALA A 103 -1.28 12.26 4.66
C ALA A 103 -1.76 12.28 3.20
N VAL A 104 -1.10 11.51 2.34
CA VAL A 104 -1.55 11.36 0.97
C VAL A 104 -2.98 10.82 0.92
N LEU A 105 -3.28 9.84 1.78
CA LEU A 105 -4.58 9.20 1.75
C LEU A 105 -5.70 10.11 2.24
N ARG A 106 -5.43 10.90 3.28
CA ARG A 106 -6.48 11.77 3.80
C ARG A 106 -6.90 12.80 2.76
N GLN A 107 -5.93 13.41 2.07
CA GLN A 107 -6.30 14.37 1.04
C GLN A 107 -7.02 13.69 -0.12
N ALA A 108 -6.60 12.47 -0.48
CA ALA A 108 -7.26 11.78 -1.60
C ALA A 108 -8.69 11.40 -1.25
N ARG A 109 -8.92 10.95 -0.01
CA ARG A 109 -10.27 10.58 0.40
C ARG A 109 -11.20 11.79 0.41
N ARG A 110 -10.68 12.96 0.79
CA ARG A 110 -11.51 14.17 0.72
C ARG A 110 -11.90 14.49 -0.72
N GLN A 111 -10.95 14.31 -1.66
CA GLN A 111 -11.30 14.47 -3.08
C GLN A 111 -12.38 13.49 -3.49
N ALA A 112 -12.27 12.23 -3.07
CA ALA A 112 -13.30 11.24 -3.40
C ALA A 112 -14.65 11.63 -2.80
N GLU A 113 -14.64 12.20 -1.60
CA GLU A 113 -15.89 12.60 -0.95
C GLU A 113 -16.55 13.79 -1.62
N LYS A 114 -15.81 14.58 -2.39
CA LYS A 114 -16.40 15.64 -3.19
C LYS A 114 -17.01 15.12 -4.50
N MET A 115 -16.90 13.82 -4.77
CA MET A 115 -17.46 13.22 -5.98
C MET A 115 -18.87 12.71 -5.71
#